data_4XQB
#
_entry.id   4XQB
#
_cell.length_a   61.440
_cell.length_b   70.320
_cell.length_c   74.480
_cell.angle_alpha   90.000
_cell.angle_beta   94.470
_cell.angle_gamma   90.000
#
_symmetry.space_group_name_H-M   'P 1 21 1'
#
loop_
_entity.id
_entity.type
_entity.pdbx_description
1 polymer Fiber
2 non-polymer '2-(1-{2-[bis(2-{4-[2-({(6R)-5-(acetylamino)-3,5-dideoxy-6-[(1R,2R)-1,2,3-trihydroxypropyl]-beta-L-threo-hex-2-ulopyranonosyl}oxy)ethyl]-1H-1,2,3-triazol-1-yl}ethyl)amino]ethyl}-1H-1,2,3-triazol-4-yl)ethyl (6R)-5-(acetylamino)-3,5-dideoxy-6-[(1R,2R)-1,2,3-trihydroxypropyl]-beta-L-threo-hex-2-ulopyranosidonic acid'
3 non-polymer 'ZINC ION'
4 non-polymer 'ACETATE ION'
5 water water
#
_entity_poly.entity_id   1
_entity_poly.type   'polypeptide(L)'
_entity_poly.pdbx_seq_one_letter_code
;GAMGSWNPKYDTRTLWTTPDTSPNCTIAQDKDSKLTLVLTKCGSQILANVSLIVVAGKYHIINNKTNPKIKSFTIKLLFN
KNGVLLDNSNLGKAYWNFRSGNSNVSTAYEKAIGFMPNLVAYPKPSNSKKYARDIVYGTIYLGGKPDQPAVIKTTFNQET
GCEYSITFNFSWSKTYENVEFETTSFTFSYIAQE
;
_entity_poly.pdbx_strand_id   A,B,C
#
# COMPACT_ATOMS: atom_id res chain seq x y z
N ASP A 11 5.22 10.31 21.19
CA ASP A 11 4.36 10.06 20.06
C ASP A 11 3.56 8.79 20.34
N THR A 12 2.34 8.92 20.86
CA THR A 12 1.56 7.74 21.34
C THR A 12 0.87 7.09 20.17
N ARG A 13 1.38 7.44 19.03
CA ARG A 13 0.68 7.28 17.81
C ARG A 13 1.47 6.37 16.82
N THR A 14 2.75 6.14 17.11
CA THR A 14 3.60 5.27 16.34
C THR A 14 4.32 4.32 17.27
N LEU A 15 4.12 3.03 17.05
CA LEU A 15 4.88 1.99 17.71
C LEU A 15 5.90 1.54 16.71
N TRP A 16 7.16 1.43 17.15
CA TRP A 16 8.19 1.03 16.22
C TRP A 16 9.38 0.35 16.87
N THR A 17 10.29 -0.12 16.03
CA THR A 17 11.51 -0.82 16.44
C THR A 17 12.69 0.13 16.58
N THR A 18 12.43 1.43 16.39
CA THR A 18 13.43 2.45 16.04
C THR A 18 13.95 2.22 14.62
N PRO A 19 14.47 3.27 13.97
CA PRO A 19 14.95 3.11 12.59
C PRO A 19 16.46 2.85 12.49
N ASP A 20 17.11 2.47 13.58
CA ASP A 20 18.52 2.16 13.48
C ASP A 20 18.72 0.80 12.83
N THR A 21 19.97 0.34 12.75
CA THR A 21 20.25 -0.98 12.18
C THR A 21 20.83 -1.96 13.20
N SER A 22 20.61 -1.70 14.49
CA SER A 22 21.09 -2.60 15.54
C SER A 22 20.19 -3.83 15.65
N PRO A 23 20.78 -5.04 15.56
CA PRO A 23 19.96 -6.26 15.57
C PRO A 23 19.03 -6.35 16.78
N ASN A 24 17.78 -6.75 16.53
CA ASN A 24 16.73 -6.76 17.55
C ASN A 24 15.88 -8.01 17.46
N CYS A 25 16.33 -8.97 16.64
CA CYS A 25 15.47 -10.07 16.25
C CYS A 25 16.27 -11.36 16.14
N THR A 26 15.62 -12.46 16.48
CA THR A 26 16.25 -13.77 16.52
C THR A 26 15.49 -14.76 15.65
N ILE A 27 16.03 -15.07 14.48
CA ILE A 27 15.39 -16.02 13.57
C ILE A 27 15.94 -17.42 13.83
N ALA A 28 17.25 -17.58 13.67
CA ALA A 28 17.91 -18.88 13.81
C ALA A 28 18.91 -18.89 14.96
N GLN A 29 19.42 -17.72 15.30
CA GLN A 29 20.35 -17.58 16.42
C GLN A 29 20.19 -16.18 17.01
N ASP A 30 20.65 -16.01 18.25
CA ASP A 30 20.39 -14.77 18.99
C ASP A 30 20.83 -13.51 18.24
N LYS A 31 19.88 -12.58 18.08
CA LYS A 31 20.12 -11.29 17.43
C LYS A 31 20.83 -11.38 16.08
N ASP A 32 20.31 -12.26 15.23
CA ASP A 32 20.87 -12.43 13.90
C ASP A 32 20.24 -11.49 12.88
N SER A 33 19.39 -10.58 13.33
CA SER A 33 18.68 -9.73 12.37
C SER A 33 18.12 -8.44 12.96
N LYS A 34 17.92 -7.46 12.08
CA LYS A 34 17.17 -6.25 12.42
C LYS A 34 15.86 -6.26 11.64
N LEU A 35 14.77 -6.39 12.37
CA LEU A 35 13.44 -6.16 11.80
C LEU A 35 13.15 -4.68 12.00
N THR A 36 12.95 -3.94 10.91
CA THR A 36 12.47 -2.58 11.04
C THR A 36 10.97 -2.54 10.77
N LEU A 37 10.19 -2.25 11.80
CA LEU A 37 8.74 -2.24 11.72
C LEU A 37 8.20 -0.97 12.34
N VAL A 38 7.38 -0.27 11.57
CA VAL A 38 6.74 0.96 12.04
C VAL A 38 5.25 0.80 11.90
N LEU A 39 4.54 0.93 13.02
CA LEU A 39 3.08 0.87 13.02
C LEU A 39 2.52 2.23 13.40
N THR A 40 1.78 2.84 12.48
CA THR A 40 1.26 4.17 12.71
C THR A 40 -0.27 4.12 12.74
N LYS A 41 -0.86 4.62 13.82
CA LYS A 41 -2.32 4.52 13.95
C LYS A 41 -3.06 5.63 13.20
N CYS A 42 -3.80 5.19 12.19
CA CYS A 42 -4.69 6.08 11.45
CA CYS A 42 -4.68 6.09 11.45
C CYS A 42 -6.12 5.68 11.75
N GLY A 43 -6.57 5.98 12.96
CA GLY A 43 -7.89 5.60 13.40
C GLY A 43 -8.13 4.10 13.33
N SER A 44 -9.11 3.72 12.53
CA SER A 44 -9.56 2.33 12.42
CA SER A 44 -9.55 2.33 12.43
C SER A 44 -8.57 1.42 11.69
N GLN A 45 -7.53 2.00 11.10
CA GLN A 45 -6.51 1.21 10.42
C GLN A 45 -5.13 1.53 10.96
N ILE A 46 -4.28 0.52 11.00
CA ILE A 46 -2.87 0.71 11.30
C ILE A 46 -2.11 0.69 9.97
N LEU A 47 -1.32 1.72 9.72
CA LEU A 47 -0.48 1.79 8.53
C LEU A 47 0.87 1.21 8.91
N ALA A 48 1.29 0.16 8.22
CA ALA A 48 2.50 -0.57 8.60
C ALA A 48 3.58 -0.50 7.53
N ASN A 49 4.82 -0.37 7.95
CA ASN A 49 5.95 -0.33 7.03
C ASN A 49 7.03 -1.27 7.57
N VAL A 50 7.54 -2.17 6.73
CA VAL A 50 8.44 -3.22 7.21
C VAL A 50 9.62 -3.48 6.28
N SER A 51 10.78 -3.79 6.87
CA SER A 51 11.91 -4.32 6.10
C SER A 51 12.71 -5.23 7.02
N LEU A 52 13.64 -5.99 6.45
CA LEU A 52 14.45 -6.93 7.24
C LEU A 52 15.90 -6.94 6.79
N ILE A 53 16.81 -6.95 7.77
CA ILE A 53 18.22 -7.14 7.49
C ILE A 53 18.69 -8.33 8.31
N VAL A 54 19.15 -9.39 7.65
CA VAL A 54 19.75 -10.50 8.39
C VAL A 54 21.25 -10.29 8.39
N VAL A 55 21.89 -10.35 9.55
CA VAL A 55 23.31 -10.04 9.70
C VAL A 55 24.21 -11.23 10.00
N ALA A 56 23.62 -12.35 10.40
CA ALA A 56 24.42 -13.52 10.77
C ALA A 56 23.57 -14.78 10.76
N GLY A 57 24.24 -15.92 10.87
CA GLY A 57 23.53 -17.18 10.98
C GLY A 57 23.02 -17.74 9.68
N LYS A 58 22.17 -18.76 9.82
CA LYS A 58 21.65 -19.57 8.74
C LYS A 58 21.06 -18.78 7.58
N TYR A 59 20.40 -17.67 7.89
CA TYR A 59 19.66 -16.94 6.85
C TYR A 59 20.36 -15.68 6.34
N HIS A 60 21.62 -15.50 6.74
CA HIS A 60 22.38 -14.31 6.33
C HIS A 60 22.80 -14.34 4.87
N ILE A 61 23.48 -15.40 4.44
CA ILE A 61 23.90 -15.55 3.06
C ILE A 61 23.24 -16.80 2.47
N ILE A 62 22.33 -16.61 1.53
CA ILE A 62 21.60 -17.73 0.94
C ILE A 62 22.34 -18.34 -0.23
N ASN A 63 22.55 -19.65 -0.19
CA ASN A 63 23.08 -20.39 -1.32
C ASN A 63 22.25 -21.63 -1.55
N ASN A 64 21.36 -21.56 -2.54
CA ASN A 64 20.43 -22.65 -2.84
C ASN A 64 21.01 -23.67 -3.82
N LYS A 65 22.25 -23.47 -4.25
CA LYS A 65 22.92 -24.53 -4.99
C LYS A 65 23.50 -25.53 -3.99
N THR A 66 24.14 -25.03 -2.95
CA THR A 66 24.68 -25.89 -1.88
C THR A 66 23.58 -26.34 -0.89
N ASN A 67 22.61 -25.47 -0.63
CA ASN A 67 21.52 -25.78 0.29
C ASN A 67 20.15 -25.48 -0.32
N PRO A 68 19.67 -26.36 -1.20
CA PRO A 68 18.45 -26.12 -1.98
C PRO A 68 17.18 -26.06 -1.12
N LYS A 69 17.24 -26.54 0.11
CA LYS A 69 16.05 -26.61 0.94
C LYS A 69 15.83 -25.39 1.84
N ILE A 70 16.83 -24.51 1.89
CA ILE A 70 16.72 -23.29 2.70
C ILE A 70 15.91 -22.27 1.89
N LYS A 71 14.60 -22.24 2.11
CA LYS A 71 13.69 -21.49 1.23
C LYS A 71 12.71 -20.58 1.95
N SER A 72 12.70 -20.63 3.28
CA SER A 72 11.73 -19.83 4.03
C SER A 72 12.07 -19.75 5.50
N PHE A 73 11.55 -18.72 6.16
CA PHE A 73 11.63 -18.61 7.61
C PHE A 73 10.53 -17.68 8.12
N THR A 74 10.33 -17.69 9.44
CA THR A 74 9.23 -16.97 10.04
C THR A 74 9.67 -16.13 11.23
N ILE A 75 9.15 -14.90 11.28
CA ILE A 75 9.37 -13.99 12.40
C ILE A 75 8.02 -13.72 13.04
N LYS A 76 7.91 -14.00 14.34
CA LYS A 76 6.62 -13.90 15.02
C LYS A 76 6.62 -12.80 16.08
N LEU A 77 5.57 -11.98 16.07
CA LEU A 77 5.32 -11.02 17.15
C LEU A 77 4.06 -11.46 17.86
N LEU A 78 4.18 -11.79 19.15
CA LEU A 78 3.07 -12.28 19.94
C LEU A 78 2.73 -11.23 20.99
N PHE A 79 1.44 -10.97 21.21
CA PHE A 79 1.03 -9.92 22.15
C PHE A 79 0.02 -10.43 23.17
N ASN A 80 0.06 -9.87 24.38
CA ASN A 80 -0.95 -10.21 25.39
C ASN A 80 -2.21 -9.36 25.27
N LYS A 81 -3.11 -9.46 26.26
CA LYS A 81 -4.39 -8.77 26.20
C LYS A 81 -4.26 -7.24 26.13
N ASN A 82 -3.12 -6.74 26.58
CA ASN A 82 -2.89 -5.29 26.58
C ASN A 82 -2.06 -4.81 25.38
N GLY A 83 -1.77 -5.72 24.45
CA GLY A 83 -0.98 -5.39 23.28
C GLY A 83 0.51 -5.33 23.57
N VAL A 84 0.92 -5.91 24.69
CA VAL A 84 2.33 -5.94 25.08
C VAL A 84 3.02 -7.16 24.46
N LEU A 85 4.23 -6.94 23.92
CA LEU A 85 4.98 -8.00 23.24
C LEU A 85 5.45 -9.08 24.21
N LEU A 86 5.23 -10.34 23.85
CA LEU A 86 5.62 -11.47 24.71
C LEU A 86 7.05 -11.90 24.43
N ASP A 87 7.76 -12.36 25.44
CA ASP A 87 9.19 -12.60 25.29
C ASP A 87 9.60 -13.79 24.42
N ASN A 88 8.66 -14.68 24.08
CA ASN A 88 8.95 -15.75 23.13
C ASN A 88 8.78 -15.32 21.67
N SER A 89 8.46 -14.04 21.47
CA SER A 89 8.46 -13.46 20.12
C SER A 89 9.88 -13.48 19.57
N ASN A 90 10.01 -13.52 18.26
CA ASN A 90 11.34 -13.45 17.65
C ASN A 90 11.94 -12.05 17.81
N LEU A 91 11.07 -11.05 17.86
CA LEU A 91 11.46 -9.67 18.09
C LEU A 91 11.69 -9.43 19.58
N GLY A 92 12.80 -8.77 19.88
CA GLY A 92 13.14 -8.44 21.25
C GLY A 92 12.31 -7.31 21.82
N LYS A 93 12.03 -7.39 23.11
CA LYS A 93 11.22 -6.40 23.80
C LYS A 93 11.90 -5.05 24.05
N ALA A 94 13.23 -5.04 24.08
CA ALA A 94 13.93 -3.86 24.59
C ALA A 94 13.72 -2.57 23.79
N TYR A 95 13.56 -2.68 22.48
CA TYR A 95 13.47 -1.47 21.64
C TYR A 95 12.18 -1.40 20.81
N TRP A 96 11.16 -2.12 21.27
CA TRP A 96 9.84 -2.10 20.64
C TRP A 96 9.01 -1.25 21.58
N ASN A 97 8.70 -0.03 21.14
CA ASN A 97 8.04 0.94 22.01
C ASN A 97 7.47 2.10 21.20
N PHE A 98 6.74 2.98 21.87
CA PHE A 98 6.27 4.21 21.23
C PHE A 98 7.44 5.14 20.88
N ARG A 99 7.29 5.87 19.77
CA ARG A 99 8.33 6.74 19.24
C ARG A 99 8.59 8.02 20.03
N SER A 100 9.88 8.36 20.18
CA SER A 100 10.28 9.70 20.64
C SER A 100 11.49 10.13 19.83
N GLY A 101 11.30 11.07 18.92
CA GLY A 101 12.37 11.46 18.01
C GLY A 101 12.77 10.30 17.12
N ASN A 102 14.07 10.01 17.06
CA ASN A 102 14.52 8.83 16.32
C ASN A 102 14.75 7.64 17.26
N SER A 103 14.25 7.78 18.49
CA SER A 103 14.38 6.72 19.48
C SER A 103 13.01 6.39 20.07
N ASN A 104 13.01 5.90 21.32
CA ASN A 104 11.77 5.53 21.99
C ASN A 104 11.51 6.33 23.26
N VAL A 105 10.25 6.38 23.69
CA VAL A 105 9.90 6.95 24.99
C VAL A 105 10.68 6.23 26.09
N SER A 106 10.86 6.90 27.22
CA SER A 106 11.81 6.46 28.24
C SER A 106 11.43 5.21 29.04
N THR A 107 10.17 4.80 29.05
CA THR A 107 9.83 3.53 29.72
C THR A 107 8.93 2.62 28.85
N ALA A 108 8.95 1.32 29.12
CA ALA A 108 8.15 0.34 28.38
C ALA A 108 6.64 0.63 28.45
N TYR A 109 5.94 0.52 27.31
CA TYR A 109 4.51 0.80 27.28
C TYR A 109 3.69 -0.25 28.00
N GLU A 110 2.53 0.18 28.49
CA GLU A 110 1.62 -0.68 29.26
C GLU A 110 0.42 -1.13 28.43
N LYS A 111 0.00 -0.27 27.51
CA LYS A 111 -1.19 -0.55 26.71
C LYS A 111 -1.03 -0.09 25.26
N ALA A 112 -1.39 -0.97 24.33
CA ALA A 112 -1.39 -0.62 22.92
C ALA A 112 -2.47 -1.41 22.17
N ILE A 113 -3.64 -1.52 22.79
CA ILE A 113 -4.73 -2.30 22.20
C ILE A 113 -5.18 -1.68 20.87
N GLY A 114 -5.06 -0.35 20.77
CA GLY A 114 -5.42 0.34 19.55
C GLY A 114 -4.53 -0.01 18.37
N PHE A 115 -3.42 -0.70 18.63
CA PHE A 115 -2.50 -1.10 17.57
C PHE A 115 -2.62 -2.57 17.21
N MET A 116 -3.49 -3.29 17.93
CA MET A 116 -3.61 -4.73 17.72
C MET A 116 -4.54 -5.03 16.54
N PRO A 117 -4.31 -6.17 15.86
CA PRO A 117 -5.21 -6.52 14.76
C PRO A 117 -6.58 -6.93 15.29
N ASN A 118 -7.62 -6.39 14.66
CA ASN A 118 -9.01 -6.58 15.06
C ASN A 118 -9.40 -8.07 15.10
N LEU A 119 -9.94 -8.51 16.23
CA LEU A 119 -10.25 -9.93 16.44
C LEU A 119 -11.49 -10.43 15.68
N VAL A 120 -12.41 -9.53 15.35
CA VAL A 120 -13.55 -9.95 14.54
C VAL A 120 -13.10 -10.10 13.10
N ALA A 121 -12.30 -9.14 12.62
CA ALA A 121 -11.76 -9.26 11.27
C ALA A 121 -10.82 -10.45 11.18
N TYR A 122 -10.03 -10.67 12.23
CA TYR A 122 -8.96 -11.67 12.21
C TYR A 122 -9.04 -12.53 13.49
N PRO A 123 -9.93 -13.53 13.49
CA PRO A 123 -10.09 -14.31 14.73
C PRO A 123 -8.90 -15.20 15.07
N LYS A 124 -8.73 -15.47 16.36
CA LYS A 124 -7.74 -16.43 16.82
C LYS A 124 -8.03 -17.82 16.29
N PRO A 125 -7.01 -18.69 16.26
CA PRO A 125 -7.25 -20.06 15.83
C PRO A 125 -8.34 -20.71 16.66
N SER A 126 -9.20 -21.47 16.00
CA SER A 126 -10.30 -22.14 16.68
C SER A 126 -10.77 -23.30 15.82
N ASN A 127 -11.99 -23.79 16.08
CA ASN A 127 -12.62 -24.79 15.22
C ASN A 127 -13.36 -24.17 14.04
N SER A 128 -13.54 -22.86 14.08
CA SER A 128 -14.29 -22.16 13.05
C SER A 128 -13.51 -22.09 11.76
N LYS A 129 -14.22 -21.84 10.67
CA LYS A 129 -13.58 -21.73 9.38
C LYS A 129 -12.52 -20.65 9.37
N LYS A 130 -11.37 -20.97 8.82
CA LYS A 130 -10.30 -20.01 8.77
C LYS A 130 -10.40 -19.30 7.41
N TYR A 131 -10.63 -17.99 7.43
CA TYR A 131 -10.75 -17.22 6.20
C TYR A 131 -9.41 -16.56 5.89
N ALA A 132 -9.19 -16.31 4.61
CA ALA A 132 -7.90 -15.82 4.16
C ALA A 132 -7.73 -14.33 4.37
N ARG A 133 -8.78 -13.62 4.78
CA ARG A 133 -8.64 -12.17 4.90
C ARG A 133 -7.68 -11.73 6.00
N ASP A 134 -7.31 -12.66 6.89
CA ASP A 134 -6.29 -12.35 7.90
C ASP A 134 -4.86 -12.42 7.36
N ILE A 135 -4.73 -12.53 6.04
CA ILE A 135 -3.41 -12.54 5.40
C ILE A 135 -3.25 -11.37 4.44
N VAL A 136 -2.06 -10.78 4.42
CA VAL A 136 -1.65 -9.83 3.37
CA VAL A 136 -1.70 -9.87 3.34
C VAL A 136 -0.33 -10.28 2.78
N TYR A 137 -0.29 -10.44 1.46
CA TYR A 137 0.97 -10.80 0.81
C TYR A 137 1.65 -9.55 0.27
N GLY A 138 2.96 -9.61 0.15
CA GLY A 138 3.74 -8.56 -0.49
C GLY A 138 5.02 -9.16 -1.03
N THR A 139 5.76 -8.38 -1.82
CA THR A 139 7.05 -8.83 -2.30
C THR A 139 8.09 -7.77 -1.97
N ILE A 140 9.23 -8.21 -1.45
CA ILE A 140 10.39 -7.33 -1.26
C ILE A 140 11.58 -7.86 -2.04
N TYR A 141 12.68 -7.11 -2.07
CA TYR A 141 13.79 -7.42 -2.98
C TYR A 141 15.13 -7.45 -2.26
N LEU A 142 15.84 -8.56 -2.40
CA LEU A 142 17.11 -8.72 -1.70
C LEU A 142 18.17 -7.84 -2.37
N GLY A 143 18.87 -7.06 -1.54
CA GLY A 143 19.90 -6.16 -2.04
C GLY A 143 19.38 -5.07 -2.94
N GLY A 144 18.06 -4.87 -2.95
CA GLY A 144 17.48 -3.85 -3.80
C GLY A 144 17.45 -4.22 -5.28
N LYS A 145 17.74 -5.48 -5.60
CA LYS A 145 17.80 -5.91 -7.00
C LYS A 145 16.43 -6.41 -7.47
N PRO A 146 15.97 -5.90 -8.63
CA PRO A 146 14.59 -6.21 -9.04
C PRO A 146 14.39 -7.65 -9.48
N ASP A 147 15.48 -8.37 -9.76
CA ASP A 147 15.35 -9.78 -10.08
C ASP A 147 15.61 -10.68 -8.87
N GLN A 148 15.57 -10.10 -7.68
CA GLN A 148 15.74 -10.88 -6.45
C GLN A 148 14.56 -10.77 -5.48
N PRO A 149 13.36 -11.16 -5.92
CA PRO A 149 12.20 -11.08 -5.03
C PRO A 149 12.19 -12.13 -3.94
N ALA A 150 11.57 -11.77 -2.82
CA ALA A 150 11.15 -12.75 -1.84
C ALA A 150 9.75 -12.35 -1.38
N VAL A 151 8.91 -13.34 -1.13
CA VAL A 151 7.52 -13.07 -0.74
C VAL A 151 7.47 -12.87 0.75
N ILE A 152 6.85 -11.77 1.18
CA ILE A 152 6.58 -11.56 2.59
C ILE A 152 5.09 -11.78 2.84
N LYS A 153 4.79 -12.82 3.61
CA LYS A 153 3.41 -13.16 3.93
C LYS A 153 3.15 -12.77 5.37
N THR A 154 2.20 -11.85 5.57
CA THR A 154 1.89 -11.35 6.89
C THR A 154 0.52 -11.88 7.32
N THR A 155 0.46 -12.50 8.51
CA THR A 155 -0.77 -13.08 9.02
C THR A 155 -1.12 -12.51 10.39
N PHE A 156 -2.40 -12.17 10.60
CA PHE A 156 -2.83 -11.58 11.86
C PHE A 156 -3.57 -12.59 12.74
N ASN A 157 -3.18 -12.62 14.02
CA ASN A 157 -3.86 -13.39 15.05
C ASN A 157 -4.03 -14.88 14.76
N GLN A 158 -2.99 -15.52 14.21
CA GLN A 158 -3.07 -16.96 13.97
C GLN A 158 -2.13 -17.79 14.85
N GLU A 159 -1.46 -17.15 15.80
CA GLU A 159 -0.63 -17.87 16.76
C GLU A 159 -1.41 -18.22 18.02
N THR A 160 -1.11 -19.35 18.64
CA THR A 160 -1.69 -19.68 19.93
C THR A 160 -0.78 -19.16 21.05
N GLY A 161 -1.22 -19.27 22.30
CA GLY A 161 -0.40 -18.85 23.42
C GLY A 161 -0.24 -17.34 23.51
N CYS A 162 -1.23 -16.61 23.00
CA CYS A 162 -1.23 -15.15 23.00
C CYS A 162 -2.64 -14.66 22.71
N GLU A 163 -2.88 -13.37 22.90
CA GLU A 163 -4.18 -12.79 22.55
C GLU A 163 -4.22 -12.19 21.13
N TYR A 164 -3.09 -11.66 20.67
CA TYR A 164 -2.97 -11.11 19.32
C TYR A 164 -1.62 -11.51 18.75
N SER A 165 -1.49 -11.53 17.43
CA SER A 165 -0.18 -11.77 16.83
C SER A 165 -0.05 -11.16 15.44
N ILE A 166 1.19 -10.83 15.08
CA ILE A 166 1.53 -10.48 13.70
C ILE A 166 2.71 -11.37 13.33
N THR A 167 2.56 -12.16 12.28
CA THR A 167 3.66 -12.99 11.87
CA THR A 167 3.57 -13.10 11.84
C THR A 167 4.07 -12.73 10.43
N PHE A 168 5.37 -12.72 10.23
CA PHE A 168 5.94 -12.47 8.92
C PHE A 168 6.65 -13.73 8.43
N ASN A 169 6.15 -14.31 7.36
CA ASN A 169 6.84 -15.42 6.73
C ASN A 169 7.52 -14.96 5.46
N PHE A 170 8.83 -15.20 5.38
CA PHE A 170 9.61 -14.83 4.21
C PHE A 170 9.92 -16.11 3.45
N SER A 171 9.69 -16.11 2.14
CA SER A 171 9.97 -17.29 1.33
C SER A 171 10.42 -16.88 -0.06
N TRP A 172 11.10 -17.78 -0.76
CA TRP A 172 11.53 -17.46 -2.11
C TRP A 172 11.57 -18.72 -2.96
N SER A 173 11.37 -18.54 -4.26
CA SER A 173 11.35 -19.68 -5.18
C SER A 173 12.59 -19.71 -6.07
N LYS A 174 13.29 -18.59 -6.21
CA LYS A 174 14.50 -18.59 -7.03
C LYS A 174 15.64 -19.30 -6.32
N THR A 175 16.58 -19.77 -7.12
CA THR A 175 17.74 -20.48 -6.60
C THR A 175 18.88 -19.49 -6.39
N TYR A 176 18.88 -18.81 -5.25
CA TYR A 176 19.86 -17.75 -5.02
C TYR A 176 21.23 -18.34 -4.70
N GLU A 177 22.27 -17.66 -5.18
CA GLU A 177 23.64 -18.12 -4.95
C GLU A 177 24.48 -17.07 -4.24
N ASN A 178 24.68 -17.27 -2.95
CA ASN A 178 25.44 -16.34 -2.10
C ASN A 178 24.84 -14.94 -2.08
N VAL A 179 23.53 -14.87 -1.81
CA VAL A 179 22.81 -13.61 -1.79
C VAL A 179 22.51 -13.23 -0.34
N GLU A 180 22.95 -12.04 0.04
CA GLU A 180 22.77 -11.53 1.41
C GLU A 180 21.31 -11.17 1.63
N PHE A 181 20.71 -11.68 2.71
CA PHE A 181 19.28 -11.42 2.94
C PHE A 181 19.03 -10.10 3.67
N GLU A 182 18.98 -9.01 2.90
CA GLU A 182 18.60 -7.70 3.42
C GLU A 182 17.70 -7.05 2.38
N THR A 183 16.58 -6.48 2.82
CA THR A 183 15.46 -6.23 1.90
C THR A 183 15.08 -4.77 1.70
N THR A 184 14.37 -4.52 0.60
CA THR A 184 13.62 -3.28 0.42
C THR A 184 12.42 -3.24 1.37
N SER A 185 11.68 -2.14 1.35
CA SER A 185 10.57 -1.96 2.29
C SER A 185 9.21 -2.25 1.63
N PHE A 186 8.25 -2.63 2.47
CA PHE A 186 6.88 -2.89 2.02
C PHE A 186 5.90 -2.24 3.00
N THR A 187 4.85 -1.65 2.45
CA THR A 187 3.79 -1.04 3.25
C THR A 187 2.48 -1.80 3.10
N PHE A 188 1.77 -1.98 4.21
CA PHE A 188 0.45 -2.59 4.20
C PHE A 188 -0.38 -1.93 5.30
N SER A 189 -1.63 -2.34 5.43
CA SER A 189 -2.42 -1.86 6.56
C SER A 189 -3.26 -3.01 7.10
N TYR A 190 -3.83 -2.81 8.28
CA TYR A 190 -4.77 -3.79 8.82
C TYR A 190 -5.79 -3.09 9.71
N ILE A 191 -6.92 -3.76 9.93
CA ILE A 191 -8.01 -3.19 10.72
C ILE A 191 -7.64 -3.26 12.20
N ALA A 192 -7.78 -2.14 12.90
CA ALA A 192 -7.40 -2.07 14.31
C ALA A 192 -8.50 -2.58 15.25
N GLN A 193 -8.06 -3.16 16.36
CA GLN A 193 -8.97 -3.72 17.36
C GLN A 193 -9.90 -2.68 17.96
N GLU A 194 -9.36 -1.49 18.22
CA GLU A 194 -10.19 -0.39 18.68
C GLU A 194 -9.57 0.92 18.22
N TYR B 10 -6.29 26.11 3.96
CA TYR B 10 -4.90 25.68 4.00
C TYR B 10 -4.77 24.30 4.64
N ASP B 11 -4.41 23.30 3.83
CA ASP B 11 -4.20 21.94 4.32
C ASP B 11 -2.72 21.73 4.61
N THR B 12 -2.35 21.80 5.88
CA THR B 12 -0.94 21.71 6.27
C THR B 12 -0.46 20.27 6.40
N ARG B 13 -1.26 19.31 5.97
CA ARG B 13 -0.95 17.91 6.19
C ARG B 13 -0.78 17.23 4.84
N THR B 14 -0.92 18.01 3.78
CA THR B 14 -0.73 17.48 2.42
C THR B 14 0.14 18.37 1.54
N LEU B 15 1.22 17.80 1.03
CA LEU B 15 2.05 18.44 0.01
C LEU B 15 1.69 17.74 -1.29
N TRP B 16 1.40 18.49 -2.34
CA TRP B 16 1.03 17.82 -3.59
C TRP B 16 1.33 18.64 -4.85
N THR B 17 1.09 18.02 -6.00
CA THR B 17 1.30 18.65 -7.30
C THR B 17 0.02 19.28 -7.84
N THR B 18 -1.04 19.24 -7.03
CA THR B 18 -2.44 19.36 -7.49
C THR B 18 -2.83 18.15 -8.35
N PRO B 19 -4.13 17.85 -8.43
CA PRO B 19 -4.55 16.70 -9.21
C PRO B 19 -4.95 17.01 -10.65
N ASP B 20 -4.58 18.17 -11.18
CA ASP B 20 -4.91 18.45 -12.58
C ASP B 20 -3.99 17.68 -13.52
N THR B 21 -4.11 17.91 -14.82
CA THR B 21 -3.24 17.23 -15.79
C THR B 21 -2.30 18.18 -16.54
N SER B 22 -2.05 19.35 -15.95
CA SER B 22 -1.16 20.34 -16.55
C SER B 22 0.30 19.92 -16.33
N PRO B 23 1.09 19.79 -17.42
CA PRO B 23 2.47 19.31 -17.27
C PRO B 23 3.29 20.12 -16.27
N ASN B 24 4.04 19.42 -15.44
CA ASN B 24 4.79 20.04 -14.36
C ASN B 24 6.18 19.44 -14.20
N CYS B 25 6.58 18.63 -15.17
CA CYS B 25 7.77 17.81 -14.99
C CYS B 25 8.56 17.68 -16.30
N THR B 26 9.88 17.61 -16.17
CA THR B 26 10.77 17.56 -17.31
C THR B 26 11.63 16.30 -17.23
N ILE B 27 11.33 15.32 -18.08
CA ILE B 27 12.09 14.08 -18.11
C ILE B 27 13.20 14.17 -19.16
N ALA B 28 12.81 14.43 -20.41
CA ALA B 28 13.76 14.53 -21.51
C ALA B 28 13.74 15.92 -22.15
N GLN B 29 12.59 16.60 -22.03
CA GLN B 29 12.45 17.94 -22.55
C GLN B 29 11.46 18.72 -21.71
N ASP B 30 11.50 20.03 -21.84
CA ASP B 30 10.73 20.90 -20.97
C ASP B 30 9.25 20.57 -20.88
N LYS B 31 8.80 20.32 -19.66
CA LYS B 31 7.41 20.11 -19.31
C LYS B 31 6.75 19.06 -20.21
N ASP B 32 7.44 17.92 -20.35
CA ASP B 32 6.96 16.82 -21.16
C ASP B 32 6.09 15.80 -20.41
N SER B 33 5.74 16.11 -19.17
CA SER B 33 5.00 15.16 -18.36
C SER B 33 4.29 15.79 -17.18
N LYS B 34 3.23 15.12 -16.70
CA LYS B 34 2.60 15.47 -15.44
C LYS B 34 2.88 14.36 -14.43
N LEU B 35 3.65 14.69 -13.41
CA LEU B 35 3.78 13.80 -12.26
C LEU B 35 2.69 14.20 -11.28
N THR B 36 1.78 13.28 -11.00
CA THR B 36 0.81 13.53 -9.95
C THR B 36 1.31 12.85 -8.69
N LEU B 37 1.68 13.65 -7.69
CA LEU B 37 2.24 13.11 -6.45
C LEU B 37 1.56 13.78 -5.27
N VAL B 38 1.02 12.96 -4.38
CA VAL B 38 0.38 13.46 -3.18
C VAL B 38 1.07 12.84 -1.97
N LEU B 39 1.58 13.70 -1.08
CA LEU B 39 2.19 13.25 0.15
C LEU B 39 1.32 13.68 1.31
N THR B 40 0.83 12.72 2.06
CA THR B 40 -0.06 13.00 3.16
C THR B 40 0.59 12.57 4.45
N LYS B 41 0.70 13.50 5.41
CA LYS B 41 1.39 13.19 6.63
C LYS B 41 0.48 12.50 7.64
N CYS B 42 0.81 11.25 7.90
CA CYS B 42 0.16 10.49 8.96
CA CYS B 42 0.16 10.46 8.94
C CYS B 42 1.18 10.29 10.07
N GLY B 43 1.43 11.36 10.81
CA GLY B 43 2.41 11.34 11.87
C GLY B 43 3.79 10.94 11.40
N SER B 44 4.29 9.83 11.94
CA SER B 44 5.65 9.37 11.66
CA SER B 44 5.65 9.36 11.67
C SER B 44 5.80 8.72 10.28
N GLN B 45 4.70 8.53 9.57
CA GLN B 45 4.79 8.01 8.21
C GLN B 45 4.12 8.97 7.23
N ILE B 46 4.71 9.06 6.04
CA ILE B 46 4.09 9.79 4.95
C ILE B 46 3.42 8.79 4.04
N LEU B 47 2.13 8.99 3.77
CA LEU B 47 1.40 8.15 2.84
C LEU B 47 1.47 8.80 1.46
N ALA B 48 2.01 8.09 0.49
CA ALA B 48 2.30 8.68 -0.81
C ALA B 48 1.49 8.01 -1.92
N ASN B 49 1.01 8.82 -2.86
CA ASN B 49 0.25 8.31 -3.99
C ASN B 49 0.81 8.96 -5.25
N VAL B 50 1.14 8.14 -6.25
CA VAL B 50 1.83 8.64 -7.44
C VAL B 50 1.31 8.04 -8.74
N SER B 51 1.32 8.85 -9.80
CA SER B 51 1.12 8.37 -11.17
C SER B 51 1.88 9.29 -12.11
N LEU B 52 2.00 8.89 -13.37
CA LEU B 52 2.73 9.69 -14.35
C LEU B 52 2.02 9.69 -15.70
N ILE B 53 1.92 10.87 -16.32
CA ILE B 53 1.46 11.01 -17.69
C ILE B 53 2.55 11.69 -18.49
N VAL B 54 3.07 11.02 -19.51
CA VAL B 54 4.02 11.67 -20.42
C VAL B 54 3.22 12.16 -21.62
N VAL B 55 3.42 13.42 -21.99
CA VAL B 55 2.62 14.04 -23.05
C VAL B 55 3.38 14.30 -24.34
N ALA B 56 4.71 14.28 -24.27
CA ALA B 56 5.52 14.62 -25.44
C ALA B 56 6.95 14.17 -25.26
N GLY B 57 7.73 14.23 -26.34
CA GLY B 57 9.13 13.90 -26.28
C GLY B 57 9.50 12.42 -26.32
N LYS B 58 10.76 12.16 -26.02
CA LYS B 58 11.39 10.85 -26.11
C LYS B 58 10.62 9.73 -25.41
N TYR B 59 9.97 10.03 -24.29
CA TYR B 59 9.32 8.99 -23.51
C TYR B 59 7.79 8.95 -23.65
N HIS B 60 7.26 9.73 -24.60
CA HIS B 60 5.82 9.78 -24.81
C HIS B 60 5.27 8.50 -25.41
N ILE B 61 5.83 8.08 -26.54
CA ILE B 61 5.42 6.84 -27.19
C ILE B 61 6.59 5.87 -27.24
N ILE B 62 6.47 4.76 -26.51
CA ILE B 62 7.57 3.81 -26.47
C ILE B 62 7.45 2.83 -27.65
N ASN B 63 8.52 2.72 -28.43
CA ASN B 63 8.61 1.67 -29.43
C ASN B 63 10.01 1.06 -29.38
N ASN B 64 10.10 -0.12 -28.77
CA ASN B 64 11.39 -0.77 -28.57
C ASN B 64 11.81 -1.65 -29.74
N LYS B 65 10.98 -1.70 -30.76
CA LYS B 65 11.38 -2.30 -32.02
C LYS B 65 12.17 -1.22 -32.75
N THR B 66 11.65 0.01 -32.73
CA THR B 66 12.36 1.11 -33.37
C THR B 66 13.54 1.56 -32.52
N ASN B 67 13.34 1.59 -31.20
CA ASN B 67 14.37 2.07 -30.29
C ASN B 67 14.58 1.12 -29.12
N PRO B 68 15.33 0.04 -29.34
CA PRO B 68 15.50 -1.03 -28.36
C PRO B 68 16.19 -0.57 -27.08
N LYS B 69 16.87 0.58 -27.10
CA LYS B 69 17.63 1.01 -25.92
C LYS B 69 16.84 1.91 -24.97
N ILE B 70 15.67 2.38 -25.40
CA ILE B 70 14.85 3.23 -24.55
C ILE B 70 14.05 2.36 -23.57
N LYS B 71 14.59 2.15 -22.38
CA LYS B 71 14.02 1.16 -21.46
C LYS B 71 13.78 1.66 -20.04
N SER B 72 14.19 2.89 -19.76
CA SER B 72 14.07 3.44 -18.41
C SER B 72 14.30 4.94 -18.38
N PHE B 73 13.80 5.59 -17.33
CA PHE B 73 14.11 6.99 -17.08
C PHE B 73 13.90 7.30 -15.60
N THR B 74 14.40 8.45 -15.17
CA THR B 74 14.37 8.80 -13.75
C THR B 74 13.85 10.21 -13.51
N ILE B 75 12.96 10.33 -12.52
CA ILE B 75 12.44 11.62 -12.11
C ILE B 75 12.92 11.90 -10.69
N LYS B 76 13.61 13.01 -10.51
CA LYS B 76 14.24 13.29 -9.21
C LYS B 76 13.63 14.49 -8.51
N LEU B 77 13.34 14.32 -7.23
CA LEU B 77 12.95 15.41 -6.35
C LEU B 77 14.04 15.63 -5.31
N LEU B 78 14.65 16.81 -5.35
CA LEU B 78 15.75 17.14 -4.45
C LEU B 78 15.30 18.25 -3.51
N PHE B 79 15.62 18.11 -2.22
CA PHE B 79 15.14 19.04 -1.20
C PHE B 79 16.27 19.60 -0.36
N ASN B 80 16.12 20.83 0.09
CA ASN B 80 17.10 21.42 1.01
C ASN B 80 16.81 21.09 2.47
N LYS B 81 17.56 21.72 3.37
CA LYS B 81 17.46 21.45 4.80
C LYS B 81 16.07 21.77 5.37
N ASN B 82 15.34 22.62 4.66
CA ASN B 82 14.00 23.00 5.11
C ASN B 82 12.88 22.22 4.41
N GLY B 83 13.25 21.24 3.60
CA GLY B 83 12.27 20.46 2.86
C GLY B 83 11.73 21.19 1.65
N VAL B 84 12.44 22.22 1.20
CA VAL B 84 12.04 22.98 0.01
C VAL B 84 12.61 22.34 -1.25
N LEU B 85 11.78 22.25 -2.29
CA LEU B 85 12.19 21.61 -3.53
C LEU B 85 13.25 22.45 -4.24
N LEU B 86 14.33 21.81 -4.68
CA LEU B 86 15.42 22.51 -5.37
C LEU B 86 15.13 22.57 -6.87
N ASP B 87 15.54 23.66 -7.52
CA ASP B 87 15.17 23.88 -8.92
C ASP B 87 15.84 22.96 -9.95
N ASN B 88 16.86 22.20 -9.56
CA ASN B 88 17.41 21.20 -10.47
C ASN B 88 16.64 19.87 -10.43
N SER B 89 15.57 19.83 -9.65
CA SER B 89 14.65 18.70 -9.66
C SER B 89 13.95 18.60 -11.00
N ASN B 90 13.53 17.40 -11.39
CA ASN B 90 12.76 17.23 -12.63
C ASN B 90 11.39 17.85 -12.49
N LEU B 91 10.86 17.84 -11.28
CA LEU B 91 9.58 18.46 -10.97
C LEU B 91 9.77 19.96 -10.78
N GLY B 92 8.91 20.74 -11.43
CA GLY B 92 8.96 22.20 -11.33
C GLY B 92 8.46 22.70 -9.98
N LYS B 93 9.06 23.78 -9.50
CA LYS B 93 8.71 24.36 -8.20
C LYS B 93 7.35 25.05 -8.16
N ALA B 94 6.86 25.52 -9.31
CA ALA B 94 5.71 26.41 -9.32
C ALA B 94 4.43 25.80 -8.75
N TYR B 95 4.23 24.50 -8.94
CA TYR B 95 2.98 23.87 -8.50
C TYR B 95 3.15 22.75 -7.48
N TRP B 96 4.26 22.79 -6.76
CA TRP B 96 4.53 21.84 -5.68
C TRP B 96 4.40 22.65 -4.39
N ASN B 97 3.33 22.39 -3.64
CA ASN B 97 3.02 23.19 -2.47
C ASN B 97 1.98 22.51 -1.59
N PHE B 98 1.71 23.10 -0.44
CA PHE B 98 0.65 22.61 0.43
C PHE B 98 -0.71 22.79 -0.25
N ARG B 99 -1.63 21.90 0.08
CA ARG B 99 -2.93 21.88 -0.52
CA ARG B 99 -2.96 21.86 -0.56
C ARG B 99 -3.90 22.94 -0.03
N SER B 100 -4.69 23.51 -0.94
CA SER B 100 -5.84 24.32 -0.61
C SER B 100 -6.93 23.94 -1.61
N GLY B 101 -7.93 23.18 -1.15
CA GLY B 101 -8.96 22.68 -2.05
C GLY B 101 -8.38 21.76 -3.11
N ASN B 102 -8.68 22.04 -4.37
CA ASN B 102 -8.06 21.30 -5.46
C ASN B 102 -6.85 22.03 -6.03
N SER B 103 -6.40 23.04 -5.29
CA SER B 103 -5.27 23.83 -5.73
C SER B 103 -4.19 23.88 -4.66
N ASN B 104 -3.36 24.92 -4.70
CA ASN B 104 -2.30 25.10 -3.73
C ASN B 104 -2.47 26.39 -2.94
N VAL B 105 -1.86 26.44 -1.75
CA VAL B 105 -1.80 27.68 -1.00
C VAL B 105 -1.16 28.74 -1.89
N SER B 106 -1.49 30.01 -1.66
CA SER B 106 -1.14 31.07 -2.61
C SER B 106 0.32 31.46 -2.61
N THR B 107 1.04 31.11 -1.54
CA THR B 107 2.46 31.44 -1.46
C THR B 107 3.34 30.20 -1.24
N ALA B 108 4.56 30.23 -1.77
CA ALA B 108 5.50 29.11 -1.64
C ALA B 108 5.84 28.79 -0.20
N TYR B 109 5.82 27.51 0.14
CA TYR B 109 6.11 27.11 1.52
C TYR B 109 7.59 27.29 1.84
N GLU B 110 7.88 27.52 3.12
CA GLU B 110 9.25 27.74 3.58
C GLU B 110 9.80 26.53 4.32
N LYS B 111 8.92 25.76 4.95
CA LYS B 111 9.33 24.59 5.72
C LYS B 111 8.39 23.40 5.54
N ALA B 112 8.97 22.23 5.30
CA ALA B 112 8.21 20.99 5.20
C ALA B 112 9.06 19.80 5.63
N ILE B 113 9.82 19.97 6.71
CA ILE B 113 10.73 18.93 7.20
C ILE B 113 9.98 17.66 7.61
N GLY B 114 8.75 17.82 8.08
CA GLY B 114 7.93 16.70 8.48
C GLY B 114 7.52 15.78 7.34
N PHE B 115 7.75 16.22 6.10
CA PHE B 115 7.41 15.41 4.92
C PHE B 115 8.63 14.76 4.31
N MET B 116 9.80 15.03 4.88
CA MET B 116 11.04 14.52 4.31
C MET B 116 11.32 13.09 4.77
N PRO B 117 11.97 12.29 3.92
CA PRO B 117 12.32 10.92 4.32
C PRO B 117 13.38 10.93 5.41
N ASN B 118 13.15 10.13 6.43
CA ASN B 118 14.01 10.05 7.61
C ASN B 118 15.45 9.66 7.28
N LEU B 119 16.40 10.49 7.74
CA LEU B 119 17.82 10.28 7.43
C LEU B 119 18.49 9.15 8.22
N VAL B 120 17.92 8.74 9.35
CA VAL B 120 18.45 7.56 10.05
C VAL B 120 17.95 6.29 9.35
N ALA B 121 16.67 6.26 8.98
CA ALA B 121 16.13 5.12 8.25
C ALA B 121 16.77 5.01 6.88
N TYR B 122 16.97 6.16 6.24
CA TYR B 122 17.44 6.22 4.87
C TYR B 122 18.62 7.21 4.77
N PRO B 123 19.82 6.75 5.14
CA PRO B 123 20.99 7.63 5.17
C PRO B 123 21.52 7.98 3.78
N LYS B 124 22.17 9.13 3.65
CA LYS B 124 22.89 9.49 2.43
C LYS B 124 24.04 8.51 2.23
N PRO B 125 24.55 8.37 1.00
CA PRO B 125 25.67 7.45 0.77
C PRO B 125 26.86 7.75 1.68
N SER B 126 27.55 6.71 2.13
CA SER B 126 28.72 6.90 3.00
C SER B 126 29.62 5.68 2.96
N ASN B 127 30.53 5.61 3.94
CA ASN B 127 31.40 4.46 4.13
C ASN B 127 30.67 3.31 4.77
N SER B 128 29.53 3.60 5.38
CA SER B 128 28.79 2.55 6.08
C SER B 128 28.10 1.69 5.04
N LYS B 129 27.79 0.46 5.43
CA LYS B 129 27.15 -0.48 4.53
C LYS B 129 25.82 0.10 4.03
N LYS B 130 25.58 -0.02 2.74
CA LYS B 130 24.37 0.51 2.10
C LYS B 130 23.29 -0.54 2.16
N TYR B 131 22.18 -0.23 2.82
CA TYR B 131 21.06 -1.17 2.92
C TYR B 131 19.93 -0.85 1.95
N ALA B 132 19.18 -1.89 1.59
CA ALA B 132 18.11 -1.78 0.60
C ALA B 132 16.82 -1.20 1.16
N ARG B 133 16.76 -0.99 2.48
CA ARG B 133 15.48 -0.51 3.00
C ARG B 133 15.07 0.89 2.52
N ASP B 134 16.01 1.63 1.94
CA ASP B 134 15.69 2.95 1.38
C ASP B 134 15.05 2.87 -0.01
N ILE B 135 14.67 1.67 -0.43
CA ILE B 135 13.98 1.49 -1.70
C ILE B 135 12.59 0.89 -1.49
N VAL B 136 11.62 1.36 -2.27
CA VAL B 136 10.36 0.64 -2.39
CA VAL B 136 10.33 0.70 -2.39
C VAL B 136 10.03 0.44 -3.86
N TYR B 137 9.74 -0.80 -4.22
CA TYR B 137 9.33 -1.12 -5.58
C TYR B 137 7.82 -1.17 -5.69
N GLY B 138 7.33 -0.90 -6.89
CA GLY B 138 5.93 -1.05 -7.20
C GLY B 138 5.79 -1.32 -8.68
N THR B 139 4.59 -1.70 -9.13
CA THR B 139 4.34 -1.88 -10.54
C THR B 139 3.13 -1.04 -10.92
N ILE B 140 3.24 -0.31 -12.02
CA ILE B 140 2.08 0.38 -12.57
C ILE B 140 1.82 -0.11 -13.99
N TYR B 141 0.73 0.33 -14.59
CA TYR B 141 0.29 -0.25 -15.85
C TYR B 141 0.04 0.80 -16.89
N LEU B 142 0.71 0.65 -18.03
CA LEU B 142 0.60 1.66 -19.08
C LEU B 142 -0.76 1.54 -19.76
N GLY B 143 -1.45 2.67 -19.86
CA GLY B 143 -2.77 2.71 -20.47
C GLY B 143 -3.81 1.92 -19.70
N GLY B 144 -3.48 1.56 -18.46
CA GLY B 144 -4.39 0.79 -17.63
C GLY B 144 -4.53 -0.66 -18.05
N LYS B 145 -3.67 -1.12 -18.95
CA LYS B 145 -3.76 -2.50 -19.44
C LYS B 145 -2.94 -3.45 -18.57
N PRO B 146 -3.55 -4.57 -18.15
CA PRO B 146 -2.89 -5.44 -17.16
C PRO B 146 -1.68 -6.20 -17.70
N ASP B 147 -1.55 -6.28 -19.02
CA ASP B 147 -0.37 -6.89 -19.62
C ASP B 147 0.68 -5.86 -20.04
N GLN B 148 0.55 -4.64 -19.53
CA GLN B 148 1.53 -3.59 -19.83
C GLN B 148 2.19 -3.01 -18.55
N PRO B 149 2.85 -3.87 -17.75
CA PRO B 149 3.50 -3.38 -16.54
C PRO B 149 4.77 -2.56 -16.82
N ALA B 150 5.04 -1.63 -15.93
CA ALA B 150 6.33 -0.99 -15.84
C ALA B 150 6.64 -0.88 -14.37
N VAL B 151 7.91 -1.05 -14.02
CA VAL B 151 8.31 -1.01 -12.62
C VAL B 151 8.62 0.42 -12.19
N ILE B 152 8.05 0.84 -11.07
CA ILE B 152 8.41 2.11 -10.44
C ILE B 152 9.25 1.84 -9.20
N LYS B 153 10.52 2.26 -9.26
CA LYS B 153 11.46 2.09 -8.16
C LYS B 153 11.65 3.44 -7.49
N THR B 154 11.26 3.52 -6.22
CA THR B 154 11.36 4.77 -5.47
C THR B 154 12.49 4.64 -4.47
N THR B 155 13.41 5.60 -4.49
CA THR B 155 14.58 5.57 -3.60
C THR B 155 14.65 6.85 -2.76
N PHE B 156 14.93 6.69 -1.48
CA PHE B 156 15.01 7.83 -0.56
C PHE B 156 16.44 8.22 -0.19
N ASN B 157 16.72 9.51 -0.29
CA ASN B 157 17.97 10.10 0.21
C ASN B 157 19.24 9.46 -0.34
N GLN B 158 19.27 9.18 -1.64
CA GLN B 158 20.49 8.66 -2.26
C GLN B 158 21.16 9.63 -3.23
N GLU B 159 20.57 10.81 -3.42
CA GLU B 159 21.15 11.80 -4.32
C GLU B 159 22.08 12.73 -3.55
N THR B 160 23.13 13.19 -4.20
CA THR B 160 24.00 14.20 -3.59
C THR B 160 23.49 15.59 -3.95
N GLY B 161 24.10 16.62 -3.38
CA GLY B 161 23.73 17.98 -3.68
C GLY B 161 22.38 18.38 -3.09
N CYS B 162 22.01 17.75 -1.98
CA CYS B 162 20.74 18.04 -1.33
C CYS B 162 20.77 17.51 0.09
N GLU B 163 19.79 17.87 0.89
CA GLU B 163 19.68 17.30 2.23
C GLU B 163 18.83 16.03 2.20
N TYR B 164 17.81 16.03 1.35
CA TYR B 164 16.91 14.90 1.20
C TYR B 164 16.60 14.71 -0.28
N SER B 165 16.20 13.50 -0.65
CA SER B 165 15.75 13.26 -2.02
C SER B 165 14.73 12.15 -2.10
N ILE B 166 13.83 12.24 -3.08
CA ILE B 166 12.96 11.14 -3.44
C ILE B 166 13.11 10.97 -4.94
N THR B 167 13.52 9.79 -5.40
CA THR B 167 13.65 9.59 -6.84
C THR B 167 12.79 8.45 -7.34
N PHE B 168 12.20 8.66 -8.52
CA PHE B 168 11.36 7.65 -9.14
C PHE B 168 12.00 7.15 -10.42
N ASN B 169 12.39 5.88 -10.43
CA ASN B 169 12.91 5.29 -11.67
C ASN B 169 11.84 4.41 -12.29
N PHE B 170 11.53 4.68 -13.55
CA PHE B 170 10.57 3.89 -14.30
C PHE B 170 11.32 3.04 -15.30
N SER B 171 11.00 1.76 -15.35
CA SER B 171 11.64 0.87 -16.31
C SER B 171 10.69 -0.24 -16.74
N TRP B 172 11.00 -0.88 -17.86
CA TRP B 172 10.16 -1.97 -18.35
C TRP B 172 11.01 -2.98 -19.08
N SER B 173 10.56 -4.23 -19.07
CA SER B 173 11.33 -5.31 -19.67
C SER B 173 10.76 -5.73 -21.01
N LYS B 174 9.46 -5.50 -21.20
CA LYS B 174 8.82 -5.91 -22.44
C LYS B 174 9.23 -5.04 -23.62
N THR B 175 9.13 -5.60 -24.82
CA THR B 175 9.47 -4.85 -26.01
C THR B 175 8.19 -4.22 -26.52
N TYR B 176 7.84 -3.06 -25.97
CA TYR B 176 6.57 -2.41 -26.28
C TYR B 176 6.62 -1.75 -27.67
N GLU B 177 5.48 -1.83 -28.35
CA GLU B 177 5.37 -1.25 -29.67
C GLU B 177 4.25 -0.22 -29.69
N ASN B 178 4.68 1.05 -29.73
CA ASN B 178 3.79 2.19 -29.82
C ASN B 178 2.87 2.23 -28.62
N VAL B 179 3.48 2.16 -27.44
CA VAL B 179 2.73 2.22 -26.20
C VAL B 179 2.98 3.56 -25.51
N GLU B 180 1.90 4.28 -25.26
CA GLU B 180 1.96 5.60 -24.65
C GLU B 180 2.27 5.47 -23.17
N PHE B 181 3.22 6.25 -22.69
CA PHE B 181 3.59 6.16 -21.28
C PHE B 181 2.72 7.04 -20.39
N GLU B 182 1.57 6.51 -20.01
CA GLU B 182 0.71 7.14 -19.01
C GLU B 182 0.17 6.02 -18.14
N THR B 183 0.22 6.22 -16.82
CA THR B 183 0.15 5.09 -15.89
C THR B 183 -1.06 5.04 -14.95
N THR B 184 -1.32 3.85 -14.43
CA THR B 184 -2.18 3.70 -13.27
C THR B 184 -1.46 4.26 -12.03
N SER B 185 -2.14 4.25 -10.88
CA SER B 185 -1.59 4.85 -9.67
C SER B 185 -1.01 3.81 -8.72
N PHE B 186 -0.05 4.24 -7.89
CA PHE B 186 0.57 3.37 -6.89
C PHE B 186 0.65 4.11 -5.56
N THR B 187 0.40 3.39 -4.47
CA THR B 187 0.52 3.95 -3.12
C THR B 187 1.65 3.26 -2.37
N PHE B 188 2.42 4.04 -1.61
CA PHE B 188 3.45 3.52 -0.71
C PHE B 188 3.53 4.43 0.51
N SER B 189 4.43 4.10 1.44
CA SER B 189 4.66 5.01 2.55
C SER B 189 6.14 5.02 2.86
N TYR B 190 6.56 6.00 3.66
CA TYR B 190 7.92 6.02 4.15
C TYR B 190 7.99 6.71 5.51
N ILE B 191 9.07 6.44 6.22
CA ILE B 191 9.27 6.99 7.55
C ILE B 191 9.66 8.46 7.45
N ALA B 192 8.97 9.31 8.21
CA ALA B 192 9.20 10.74 8.18
C ALA B 192 10.36 11.19 9.07
N GLN B 193 11.04 12.24 8.65
CA GLN B 193 12.19 12.79 9.36
C GLN B 193 11.81 13.27 10.77
N GLU B 194 10.64 13.89 10.89
CA GLU B 194 10.13 14.30 12.20
C GLU B 194 8.60 14.31 12.20
N ASP C 11 -17.42 7.06 15.02
CA ASP C 11 -16.11 7.30 14.40
C ASP C 11 -16.32 7.94 13.03
N THR C 12 -16.13 9.26 12.96
CA THR C 12 -16.41 9.98 11.72
C THR C 12 -15.25 9.96 10.72
N ARG C 13 -14.27 9.10 10.95
CA ARG C 13 -13.07 9.13 10.13
C ARG C 13 -12.98 7.82 9.37
N THR C 14 -13.85 6.87 9.69
CA THR C 14 -13.90 5.59 8.97
C THR C 14 -15.30 5.17 8.51
N LEU C 15 -15.43 4.92 7.20
CA LEU C 15 -16.62 4.32 6.63
C LEU C 15 -16.32 2.85 6.39
N TRP C 16 -17.21 1.96 6.83
CA TRP C 16 -16.93 0.55 6.63
C TRP C 16 -18.14 -0.37 6.55
N THR C 17 -17.87 -1.64 6.27
CA THR C 17 -18.88 -2.68 6.16
C THR C 17 -19.11 -3.48 7.45
N THR C 18 -18.44 -3.07 8.52
CA THR C 18 -18.16 -3.91 9.70
C THR C 18 -17.27 -5.07 9.27
N PRO C 19 -16.50 -5.63 10.21
CA PRO C 19 -15.58 -6.72 9.89
C PRO C 19 -16.12 -8.13 10.13
N ASP C 20 -17.43 -8.31 10.27
CA ASP C 20 -18.00 -9.66 10.45
C ASP C 20 -18.05 -10.45 9.15
N THR C 21 -18.69 -11.63 9.18
CA THR C 21 -18.77 -12.45 7.97
C THR C 21 -20.19 -12.55 7.41
N SER C 22 -21.07 -11.63 7.83
CA SER C 22 -22.45 -11.67 7.37
C SER C 22 -22.55 -11.13 5.95
N PRO C 23 -23.14 -11.94 5.05
CA PRO C 23 -23.22 -11.52 3.63
C PRO C 23 -23.88 -10.15 3.48
N ASN C 24 -23.30 -9.31 2.62
CA ASN C 24 -23.78 -7.94 2.48
C ASN C 24 -23.76 -7.49 1.02
N CYS C 25 -23.53 -8.42 0.11
CA CYS C 25 -23.20 -8.05 -1.25
C CYS C 25 -23.81 -9.03 -2.23
N THR C 26 -24.21 -8.53 -3.40
CA THR C 26 -24.89 -9.33 -4.39
C THR C 26 -24.13 -9.27 -5.71
N ILE C 27 -23.43 -10.36 -6.05
CA ILE C 27 -22.71 -10.42 -7.32
C ILE C 27 -23.56 -11.07 -8.40
N ALA C 28 -23.96 -12.31 -8.17
CA ALA C 28 -24.75 -13.07 -9.15
C ALA C 28 -26.15 -13.39 -8.63
N GLN C 29 -26.27 -13.45 -7.32
CA GLN C 29 -27.53 -13.71 -6.66
C GLN C 29 -27.55 -13.04 -5.29
N ASP C 30 -28.74 -12.85 -4.73
CA ASP C 30 -28.90 -12.05 -3.51
C ASP C 30 -28.02 -12.51 -2.35
N LYS C 31 -27.24 -11.57 -1.83
CA LYS C 31 -26.36 -11.80 -0.68
C LYS C 31 -25.47 -13.02 -0.83
N ASP C 32 -24.86 -13.14 -2.01
CA ASP C 32 -23.95 -14.24 -2.27
C ASP C 32 -22.51 -13.92 -1.89
N SER C 33 -22.29 -12.84 -1.15
CA SER C 33 -20.92 -12.49 -0.75
C SER C 33 -20.81 -11.52 0.43
N LYS C 34 -19.68 -11.56 1.12
CA LYS C 34 -19.32 -10.52 2.09
C LYS C 34 -18.15 -9.74 1.54
N LEU C 35 -18.39 -8.47 1.19
CA LEU C 35 -17.32 -7.55 0.87
C LEU C 35 -16.90 -6.88 2.17
N THR C 36 -15.64 -7.05 2.58
CA THR C 36 -15.15 -6.29 3.71
C THR C 36 -14.34 -5.11 3.19
N LEU C 37 -14.86 -3.91 3.38
CA LEU C 37 -14.22 -2.69 2.87
C LEU C 37 -14.16 -1.68 3.99
N VAL C 38 -12.95 -1.18 4.25
CA VAL C 38 -12.74 -0.15 5.26
C VAL C 38 -12.09 1.05 4.59
N LEU C 39 -12.75 2.20 4.67
CA LEU C 39 -12.22 3.44 4.14
C LEU C 39 -11.92 4.37 5.31
N THR C 40 -10.66 4.72 5.47
CA THR C 40 -10.23 5.57 6.57
C THR C 40 -9.70 6.88 6.02
N LYS C 41 -10.24 7.98 6.50
CA LYS C 41 -9.83 9.27 5.98
C LYS C 41 -8.58 9.79 6.67
N CYS C 42 -7.51 9.88 5.89
CA CYS C 42 -6.27 10.51 6.32
CA CYS C 42 -6.26 10.48 6.31
C CYS C 42 -6.14 11.80 5.56
N GLY C 43 -7.01 12.75 5.88
CA GLY C 43 -7.02 14.02 5.19
C GLY C 43 -7.25 13.88 3.69
N SER C 44 -6.27 14.33 2.92
CA SER C 44 -6.39 14.38 1.46
CA SER C 44 -6.36 14.38 1.45
C SER C 44 -6.40 13.01 0.78
N GLN C 45 -6.06 11.97 1.53
CA GLN C 45 -6.10 10.62 0.97
C GLN C 45 -7.01 9.74 1.82
N ILE C 46 -7.71 8.83 1.14
CA ILE C 46 -8.47 7.78 1.80
C ILE C 46 -7.62 6.51 1.77
N LEU C 47 -7.39 5.92 2.94
CA LEU C 47 -6.66 4.66 3.03
C LEU C 47 -7.69 3.54 3.02
N ALA C 48 -7.58 2.64 2.04
CA ALA C 48 -8.62 1.64 1.82
C ALA C 48 -8.07 0.24 2.01
N ASN C 49 -8.89 -0.62 2.63
CA ASN C 49 -8.51 -2.00 2.86
C ASN C 49 -9.69 -2.88 2.44
N VAL C 50 -9.42 -3.88 1.60
CA VAL C 50 -10.51 -4.68 1.03
C VAL C 50 -10.21 -6.18 0.98
N SER C 51 -11.24 -6.99 1.18
CA SER C 51 -11.20 -8.43 0.92
C SER C 51 -12.59 -8.88 0.53
N LEU C 52 -12.70 -10.10 0.02
CA LEU C 52 -13.98 -10.63 -0.44
C LEU C 52 -14.15 -12.09 -0.06
N ILE C 53 -15.33 -12.43 0.45
CA ILE C 53 -15.69 -13.82 0.70
C ILE C 53 -16.96 -14.10 -0.10
N VAL C 54 -16.90 -15.01 -1.06
CA VAL C 54 -18.14 -15.38 -1.76
C VAL C 54 -18.68 -16.63 -1.06
N VAL C 55 -19.95 -16.58 -0.66
CA VAL C 55 -20.50 -17.63 0.22
C VAL C 55 -21.47 -18.60 -0.46
N ALA C 56 -21.95 -18.23 -1.65
CA ALA C 56 -22.92 -19.03 -2.37
C ALA C 56 -22.97 -18.59 -3.81
N GLY C 57 -23.67 -19.37 -4.64
CA GLY C 57 -23.90 -19.02 -6.02
C GLY C 57 -22.76 -19.30 -6.98
N LYS C 58 -22.90 -18.72 -8.17
CA LYS C 58 -22.02 -18.91 -9.31
C LYS C 58 -20.52 -18.75 -9.01
N TYR C 59 -20.18 -17.81 -8.13
CA TYR C 59 -18.76 -17.51 -7.91
C TYR C 59 -18.22 -18.09 -6.61
N HIS C 60 -19.00 -18.91 -5.93
CA HIS C 60 -18.57 -19.49 -4.65
C HIS C 60 -17.45 -20.51 -4.83
N ILE C 61 -17.67 -21.50 -5.70
CA ILE C 61 -16.63 -22.48 -6.03
C ILE C 61 -16.30 -22.38 -7.51
N ILE C 62 -15.08 -21.97 -7.83
CA ILE C 62 -14.67 -21.82 -9.22
C ILE C 62 -14.19 -23.15 -9.76
N ASN C 63 -14.79 -23.58 -10.87
CA ASN C 63 -14.25 -24.72 -11.60
C ASN C 63 -14.24 -24.39 -13.09
N ASN C 64 -13.05 -24.06 -13.59
CA ASN C 64 -12.90 -23.65 -14.97
C ASN C 64 -12.73 -24.80 -15.94
N LYS C 65 -12.73 -26.02 -15.41
CA LYS C 65 -12.88 -27.17 -16.28
C LYS C 65 -14.33 -27.32 -16.64
N THR C 66 -15.19 -27.16 -15.65
CA THR C 66 -16.63 -27.26 -15.89
C THR C 66 -17.16 -26.04 -16.62
N ASN C 67 -16.64 -24.87 -16.23
CA ASN C 67 -17.12 -23.59 -16.74
C ASN C 67 -15.94 -22.74 -17.21
N PRO C 68 -15.44 -23.00 -18.42
CA PRO C 68 -14.19 -22.36 -18.85
C PRO C 68 -14.23 -20.83 -18.99
N LYS C 69 -15.42 -20.25 -19.13
CA LYS C 69 -15.52 -18.80 -19.32
C LYS C 69 -15.79 -17.99 -18.04
N ILE C 70 -15.98 -18.66 -16.91
CA ILE C 70 -16.19 -17.94 -15.65
C ILE C 70 -14.83 -17.46 -15.13
N LYS C 71 -14.45 -16.24 -15.51
CA LYS C 71 -13.08 -15.74 -15.28
C LYS C 71 -12.99 -14.36 -14.63
N SER C 72 -14.14 -13.71 -14.43
CA SER C 72 -14.15 -12.37 -13.86
C SER C 72 -15.54 -11.97 -13.39
N PHE C 73 -15.60 -11.01 -12.47
CA PHE C 73 -16.85 -10.39 -12.08
C PHE C 73 -16.56 -9.02 -11.48
N THR C 74 -17.60 -8.21 -11.31
CA THR C 74 -17.41 -6.84 -10.87
C THR C 74 -18.36 -6.48 -9.72
N ILE C 75 -17.82 -5.79 -8.72
CA ILE C 75 -18.60 -5.27 -7.61
C ILE C 75 -18.54 -3.74 -7.67
N LYS C 76 -19.72 -3.10 -7.75
CA LYS C 76 -19.78 -1.66 -7.94
C LYS C 76 -20.37 -0.94 -6.74
N LEU C 77 -19.70 0.14 -6.33
CA LEU C 77 -20.26 1.05 -5.32
C LEU C 77 -20.55 2.36 -6.02
N LEU C 78 -21.82 2.75 -6.02
CA LEU C 78 -22.25 3.97 -6.70
C LEU C 78 -22.72 4.94 -5.63
N PHE C 79 -22.30 6.20 -5.74
CA PHE C 79 -22.63 7.21 -4.72
C PHE C 79 -23.25 8.45 -5.34
N ASN C 80 -24.15 9.09 -4.60
CA ASN C 80 -24.72 10.35 -5.08
C ASN C 80 -23.86 11.56 -4.67
N LYS C 81 -24.39 12.76 -4.89
CA LYS C 81 -23.64 13.99 -4.64
C LYS C 81 -23.23 14.16 -3.18
N ASN C 82 -23.91 13.47 -2.28
CA ASN C 82 -23.59 13.58 -0.86
C ASN C 82 -22.72 12.44 -0.35
N GLY C 83 -22.28 11.58 -1.27
CA GLY C 83 -21.46 10.44 -0.90
C GLY C 83 -22.27 9.30 -0.31
N VAL C 84 -23.58 9.34 -0.54
CA VAL C 84 -24.47 8.30 -0.05
C VAL C 84 -24.59 7.15 -1.08
N LEU C 85 -24.55 5.91 -0.59
CA LEU C 85 -24.57 4.74 -1.45
C LEU C 85 -25.93 4.56 -2.12
N LEU C 86 -25.92 4.35 -3.44
CA LEU C 86 -27.14 4.15 -4.24
C LEU C 86 -27.53 2.68 -4.32
N ASP C 87 -28.84 2.38 -4.36
CA ASP C 87 -29.28 0.99 -4.24
C ASP C 87 -28.97 0.05 -5.42
N ASN C 88 -28.52 0.55 -6.56
CA ASN C 88 -28.08 -0.37 -7.59
CA ASN C 88 -28.05 -0.28 -7.66
C ASN C 88 -26.65 -0.82 -7.43
N SER C 89 -25.99 -0.38 -6.35
CA SER C 89 -24.68 -0.90 -5.99
C SER C 89 -24.82 -2.38 -5.64
N ASN C 90 -23.75 -3.14 -5.83
CA ASN C 90 -23.74 -4.54 -5.43
C ASN C 90 -23.74 -4.70 -3.91
N LEU C 91 -23.12 -3.75 -3.24
CA LEU C 91 -23.10 -3.72 -1.77
C LEU C 91 -24.43 -3.17 -1.26
N GLY C 92 -25.02 -3.86 -0.29
CA GLY C 92 -26.29 -3.43 0.28
C GLY C 92 -26.17 -2.21 1.17
N LYS C 93 -27.17 -1.34 1.15
CA LYS C 93 -27.10 -0.08 1.91
C LYS C 93 -27.13 -0.25 3.43
N ALA C 94 -27.77 -1.31 3.90
CA ALA C 94 -28.01 -1.51 5.32
C ALA C 94 -26.69 -1.72 6.04
N TYR C 95 -25.66 -2.03 5.25
CA TYR C 95 -24.43 -2.57 5.76
C TYR C 95 -23.24 -1.63 5.66
N TRP C 96 -23.51 -0.40 5.22
CA TRP C 96 -22.46 0.58 4.94
C TRP C 96 -22.66 1.88 5.72
N ASN C 97 -21.76 2.18 6.67
CA ASN C 97 -21.96 3.35 7.50
C ASN C 97 -20.65 3.71 8.22
N PHE C 98 -20.66 4.83 8.94
CA PHE C 98 -19.51 5.19 9.78
C PHE C 98 -19.35 4.18 10.92
N ARG C 99 -18.10 3.94 11.33
CA ARG C 99 -17.81 2.94 12.37
C ARG C 99 -18.24 3.40 13.76
N SER C 100 -18.81 2.48 14.53
CA SER C 100 -19.00 2.69 15.96
C SER C 100 -18.64 1.39 16.67
N GLY C 101 -17.48 1.37 17.34
CA GLY C 101 -16.96 0.15 17.93
C GLY C 101 -16.67 -0.87 16.85
N ASN C 102 -17.15 -2.10 17.01
CA ASN C 102 -17.04 -3.09 15.94
C ASN C 102 -18.30 -3.14 15.09
N SER C 103 -19.16 -2.14 15.23
CA SER C 103 -20.40 -2.11 14.48
C SER C 103 -20.54 -0.79 13.72
N ASN C 104 -21.78 -0.45 13.39
CA ASN C 104 -22.07 0.80 12.69
C ASN C 104 -22.95 1.66 13.55
N VAL C 105 -22.91 2.97 13.33
CA VAL C 105 -23.85 3.87 13.99
C VAL C 105 -25.27 3.43 13.61
N SER C 106 -26.24 3.69 14.48
CA SER C 106 -27.58 3.16 14.29
C SER C 106 -28.38 3.91 13.22
N THR C 107 -27.93 5.11 12.86
CA THR C 107 -28.61 5.92 11.85
C THR C 107 -27.78 6.07 10.57
N ALA C 108 -28.46 5.98 9.43
CA ALA C 108 -27.81 6.10 8.13
C ALA C 108 -27.18 7.47 7.97
N TYR C 109 -25.94 7.51 7.47
CA TYR C 109 -25.26 8.78 7.32
C TYR C 109 -25.86 9.62 6.21
N GLU C 110 -25.71 10.93 6.33
CA GLU C 110 -26.31 11.84 5.37
C GLU C 110 -25.27 12.42 4.41
N LYS C 111 -24.04 12.54 4.89
CA LYS C 111 -22.97 13.12 4.09
C LYS C 111 -21.63 12.41 4.31
N ALA C 112 -20.93 12.12 3.22
CA ALA C 112 -19.58 11.56 3.30
C ALA C 112 -18.76 11.99 2.07
N ILE C 113 -18.88 13.25 1.69
CA ILE C 113 -18.21 13.77 0.50
C ILE C 113 -16.69 13.69 0.64
N GLY C 114 -16.19 13.82 1.87
CA GLY C 114 -14.77 13.74 2.14
C GLY C 114 -14.18 12.36 1.89
N PHE C 115 -15.04 11.37 1.68
CA PHE C 115 -14.59 9.99 1.40
C PHE C 115 -14.71 9.63 -0.08
N MET C 116 -15.21 10.55 -0.89
CA MET C 116 -15.42 10.28 -2.30
C MET C 116 -14.13 10.47 -3.11
N PRO C 117 -13.98 9.72 -4.21
CA PRO C 117 -12.79 9.90 -5.05
C PRO C 117 -12.84 11.24 -5.76
N ASN C 118 -11.72 11.95 -5.74
CA ASN C 118 -11.61 13.30 -6.28
C ASN C 118 -11.96 13.34 -7.76
N LEU C 119 -12.88 14.23 -8.15
CA LEU C 119 -13.35 14.29 -9.54
C LEU C 119 -12.36 14.93 -10.51
N VAL C 120 -11.45 15.76 -10.01
CA VAL C 120 -10.42 16.33 -10.87
C VAL C 120 -9.34 15.26 -11.13
N ALA C 121 -8.97 14.54 -10.08
CA ALA C 121 -8.01 13.45 -10.24
C ALA C 121 -8.62 12.36 -11.12
N TYR C 122 -9.90 12.09 -10.88
CA TYR C 122 -10.57 10.96 -11.52
C TYR C 122 -11.90 11.42 -12.14
N PRO C 123 -11.85 12.02 -13.33
CA PRO C 123 -13.08 12.55 -13.94
C PRO C 123 -14.03 11.47 -14.47
N LYS C 124 -15.32 11.80 -14.56
CA LYS C 124 -16.28 10.91 -15.21
C LYS C 124 -15.92 10.81 -16.70
N PRO C 125 -16.36 9.74 -17.37
CA PRO C 125 -16.10 9.58 -18.80
C PRO C 125 -16.61 10.78 -19.61
N SER C 126 -15.88 11.15 -20.65
CA SER C 126 -16.27 12.27 -21.51
C SER C 126 -15.61 12.11 -22.86
N ASN C 127 -15.61 13.18 -23.63
CA ASN C 127 -14.92 13.18 -24.92
C ASN C 127 -13.44 13.52 -24.76
N SER C 128 -13.04 13.98 -23.57
CA SER C 128 -11.64 14.32 -23.30
C SER C 128 -10.82 13.04 -23.17
N LYS C 129 -9.52 13.15 -23.35
CA LYS C 129 -8.64 11.98 -23.28
C LYS C 129 -8.77 11.29 -21.92
N LYS C 130 -8.90 9.97 -21.94
CA LYS C 130 -9.08 9.18 -20.72
C LYS C 130 -7.72 8.72 -20.21
N TYR C 131 -7.40 9.08 -18.97
CA TYR C 131 -6.13 8.68 -18.38
C TYR C 131 -6.28 7.50 -17.42
N ALA C 132 -5.20 6.74 -17.28
CA ALA C 132 -5.20 5.53 -16.49
C ALA C 132 -5.04 5.79 -15.00
N ARG C 133 -4.81 7.05 -14.60
CA ARG C 133 -4.56 7.25 -13.16
C ARG C 133 -5.75 6.98 -12.25
N ASP C 134 -6.94 6.87 -12.84
CA ASP C 134 -8.12 6.49 -12.07
C ASP C 134 -8.25 4.99 -11.79
N ILE C 135 -7.19 4.24 -12.09
CA ILE C 135 -7.14 2.81 -11.80
C ILE C 135 -6.00 2.48 -10.85
N VAL C 136 -6.26 1.56 -9.91
CA VAL C 136 -5.20 0.95 -9.09
CA VAL C 136 -5.17 0.96 -9.15
C VAL C 136 -5.32 -0.55 -9.21
N TYR C 137 -4.24 -1.23 -9.59
CA TYR C 137 -4.23 -2.69 -9.63
C TYR C 137 -3.67 -3.26 -8.35
N GLY C 138 -4.11 -4.47 -8.01
CA GLY C 138 -3.56 -5.22 -6.90
C GLY C 138 -3.79 -6.69 -7.19
N THR C 139 -3.18 -7.56 -6.38
CA THR C 139 -3.41 -8.99 -6.49
C THR C 139 -3.79 -9.52 -5.11
N ILE C 140 -4.83 -10.36 -5.07
CA ILE C 140 -5.14 -11.09 -3.83
C ILE C 140 -5.09 -12.59 -4.11
N TYR C 141 -5.24 -13.41 -3.07
CA TYR C 141 -4.97 -14.84 -3.17
C TYR C 141 -6.12 -15.67 -2.63
N LEU C 142 -6.63 -16.57 -3.47
CA LEU C 142 -7.79 -17.37 -3.10
C LEU C 142 -7.37 -18.41 -2.07
N GLY C 143 -8.10 -18.47 -0.95
CA GLY C 143 -7.78 -19.41 0.10
C GLY C 143 -6.42 -19.16 0.73
N GLY C 144 -5.86 -17.98 0.49
CA GLY C 144 -4.57 -17.63 1.06
C GLY C 144 -3.37 -18.35 0.46
N LYS C 145 -3.60 -19.05 -0.65
CA LYS C 145 -2.53 -19.84 -1.30
C LYS C 145 -1.77 -18.96 -2.30
N PRO C 146 -0.43 -18.94 -2.24
CA PRO C 146 0.32 -17.97 -3.04
C PRO C 146 0.33 -18.27 -4.53
N ASP C 147 -0.02 -19.49 -4.93
CA ASP C 147 -0.14 -19.82 -6.34
C ASP C 147 -1.57 -19.72 -6.83
N GLN C 148 -2.44 -19.06 -6.07
CA GLN C 148 -3.82 -18.83 -6.52
C GLN C 148 -4.17 -17.34 -6.58
N PRO C 149 -3.43 -16.57 -7.39
CA PRO C 149 -3.73 -15.15 -7.50
C PRO C 149 -5.01 -14.85 -8.27
N ALA C 150 -5.64 -13.74 -7.91
CA ALA C 150 -6.65 -13.12 -8.77
C ALA C 150 -6.35 -11.64 -8.71
N VAL C 151 -6.52 -10.97 -9.84
CA VAL C 151 -6.24 -9.55 -9.92
C VAL C 151 -7.46 -8.76 -9.50
N ILE C 152 -7.26 -7.82 -8.59
CA ILE C 152 -8.31 -6.88 -8.20
C ILE C 152 -8.00 -5.53 -8.84
N LYS C 153 -8.85 -5.13 -9.76
CA LYS C 153 -8.68 -3.86 -10.47
C LYS C 153 -9.70 -2.89 -9.93
N THR C 154 -9.24 -1.81 -9.33
CA THR C 154 -10.12 -0.83 -8.73
C THR C 154 -10.15 0.44 -9.57
N THR C 155 -11.34 0.90 -9.94
CA THR C 155 -11.48 2.08 -10.80
C THR C 155 -12.36 3.12 -10.14
N PHE C 156 -11.94 4.38 -10.23
CA PHE C 156 -12.69 5.49 -9.61
C PHE C 156 -13.47 6.33 -10.62
N ASN C 157 -14.73 6.58 -10.28
CA ASN C 157 -15.60 7.52 -11.01
C ASN C 157 -15.75 7.23 -12.49
N GLN C 158 -15.89 5.96 -12.84
CA GLN C 158 -16.11 5.64 -14.25
C GLN C 158 -17.51 5.10 -14.56
N GLU C 159 -18.36 4.98 -13.55
CA GLU C 159 -19.73 4.50 -13.78
C GLU C 159 -20.70 5.63 -14.05
N THR C 160 -21.71 5.34 -14.86
CA THR C 160 -22.79 6.30 -15.08
C THR C 160 -23.85 6.10 -13.99
N GLY C 161 -24.84 6.97 -13.95
CA GLY C 161 -25.93 6.86 -13.00
C GLY C 161 -25.56 7.19 -11.57
N CYS C 162 -24.54 8.02 -11.39
CA CYS C 162 -24.05 8.39 -10.07
C CYS C 162 -23.17 9.62 -10.19
N GLU C 163 -22.80 10.20 -9.05
CA GLU C 163 -21.85 11.30 -9.02
C GLU C 163 -20.43 10.81 -8.83
N TYR C 164 -20.28 9.73 -8.05
CA TYR C 164 -18.98 9.11 -7.76
C TYR C 164 -19.14 7.61 -7.81
N SER C 165 -18.05 6.89 -8.04
CA SER C 165 -18.09 5.43 -7.98
C SER C 165 -16.74 4.81 -7.60
N ILE C 166 -16.81 3.65 -6.98
CA ILE C 166 -15.64 2.80 -6.77
C ILE C 166 -16.04 1.43 -7.25
N THR C 167 -15.30 0.88 -8.22
CA THR C 167 -15.64 -0.45 -8.71
C THR C 167 -14.47 -1.41 -8.55
N PHE C 168 -14.78 -2.63 -8.13
CA PHE C 168 -13.77 -3.66 -7.97
C PHE C 168 -14.01 -4.76 -8.99
N ASN C 169 -13.08 -4.91 -9.94
CA ASN C 169 -13.17 -6.01 -10.88
C ASN C 169 -12.18 -7.09 -10.50
N PHE C 170 -12.69 -8.31 -10.32
CA PHE C 170 -11.87 -9.46 -9.97
C PHE C 170 -11.72 -10.34 -11.19
N SER C 171 -10.49 -10.74 -11.50
CA SER C 171 -10.30 -11.61 -12.67
C SER C 171 -9.13 -12.54 -12.42
N TRP C 172 -9.11 -13.64 -13.17
CA TRP C 172 -8.01 -14.59 -13.03
C TRP C 172 -7.75 -15.26 -14.35
N SER C 173 -6.50 -15.68 -14.55
CA SER C 173 -6.11 -16.29 -15.82
C SER C 173 -5.93 -17.80 -15.70
N LYS C 174 -5.66 -18.26 -14.50
CA LYS C 174 -5.43 -19.68 -14.28
C LYS C 174 -6.73 -20.47 -14.37
N THR C 175 -6.62 -21.76 -14.66
CA THR C 175 -7.79 -22.62 -14.74
C THR C 175 -8.02 -23.30 -13.39
N TYR C 176 -8.72 -22.61 -12.50
CA TYR C 176 -8.90 -23.12 -11.15
C TYR C 176 -9.94 -24.23 -11.15
N GLU C 177 -9.67 -25.28 -10.36
CA GLU C 177 -10.60 -26.39 -10.27
C GLU C 177 -11.03 -26.64 -8.83
N ASN C 178 -12.27 -26.28 -8.55
CA ASN C 178 -12.86 -26.40 -7.23
C ASN C 178 -12.15 -25.55 -6.19
N VAL C 179 -11.97 -24.27 -6.53
CA VAL C 179 -11.34 -23.32 -5.63
C VAL C 179 -12.38 -22.33 -5.11
N GLU C 180 -12.51 -22.27 -3.78
CA GLU C 180 -13.44 -21.35 -3.14
C GLU C 180 -12.96 -19.92 -3.26
N PHE C 181 -13.84 -19.03 -3.69
CA PHE C 181 -13.45 -17.62 -3.87
C PHE C 181 -13.59 -16.83 -2.59
N GLU C 182 -12.57 -16.91 -1.75
CA GLU C 182 -12.49 -16.09 -0.54
C GLU C 182 -11.03 -15.67 -0.45
N THR C 183 -10.80 -14.38 -0.21
CA THR C 183 -9.49 -13.79 -0.54
C THR C 183 -8.68 -13.25 0.62
N THR C 184 -7.39 -13.09 0.39
CA THR C 184 -6.55 -12.29 1.26
C THR C 184 -6.92 -10.80 1.11
N SER C 185 -6.28 -9.94 1.90
CA SER C 185 -6.62 -8.51 1.90
C SER C 185 -5.63 -7.68 1.11
N PHE C 186 -6.10 -6.54 0.60
CA PHE C 186 -5.28 -5.60 -0.16
C PHE C 186 -5.56 -4.18 0.32
N THR C 187 -4.49 -3.39 0.40
CA THR C 187 -4.58 -1.98 0.78
C THR C 187 -4.15 -1.09 -0.37
N PHE C 188 -4.88 0.01 -0.56
CA PHE C 188 -4.54 1.04 -1.54
C PHE C 188 -4.98 2.38 -0.99
N SER C 189 -4.74 3.45 -1.73
CA SER C 189 -5.31 4.73 -1.34
C SER C 189 -5.78 5.49 -2.56
N TYR C 190 -6.53 6.55 -2.35
CA TYR C 190 -6.94 7.42 -3.45
C TYR C 190 -7.11 8.84 -2.97
N ILE C 191 -7.05 9.77 -3.91
CA ILE C 191 -7.16 11.19 -3.59
C ILE C 191 -8.61 11.53 -3.26
N ALA C 192 -8.82 12.21 -2.13
CA ALA C 192 -10.17 12.54 -1.67
C ALA C 192 -10.76 13.80 -2.32
N GLN C 193 -12.08 13.80 -2.49
CA GLN C 193 -12.78 14.93 -3.12
C GLN C 193 -12.64 16.22 -2.32
N GLU C 194 -12.71 16.12 -1.00
CA GLU C 194 -12.47 17.28 -0.15
C GLU C 194 -11.89 16.82 1.18
#